data_2ZUY
#
_entry.id   2ZUY
#
_cell.length_a   72.853
_cell.length_b   88.070
_cell.length_c   99.304
_cell.angle_alpha   90.00
_cell.angle_beta   90.00
_cell.angle_gamma   90.00
#
_symmetry.space_group_name_H-M   'P 21 21 21'
#
loop_
_entity.id
_entity.type
_entity.pdbx_description
1 polymer 'YesX protein'
2 non-polymer 'CALCIUM ION'
3 water water
#
_entity_poly.entity_id   1
_entity_poly.type   'polypeptide(L)'
_entity_poly.pdbx_seq_one_letter_code
;MKPKKRQMEYLTRGLIAVQTEQGVFVSWRFLGTDHETTAFHLYRDGKRITRDPIAESTNFLDQNGTADSVYQVAAVNKGR
EEKLSKKARVWQENVLEVPLAKPEGGVTPDGKPYTYSANDASVGDIDGDGEYEMILKWDPSNSKDNAHDGYTGEVLIDAY
KLDGTFLWRINLGRNIRAGAHYTQFMVYDLDGDGKAEIAMKTADGTTDGKGHIIGDEQADFRNEQGRILSGPEYLTVFKG
ETGEALTTVEYEPPRGKLEDWGDGYGNRMDRFLAGTAYLDGERPSLVMARGYYTRTVLVAYDFRNGRLKKRWVFDSNQPG
HEAYAGQGNHSLSVADVDGDGKDEIIYGAMAVDHDGTGLYSTGLGHGDAMHVGDLDPSRKGLEVFQVHEDATKPYGLSLR
DAGTGEILWGVHAGTDVGRGMAAHIDPSYKGSLVWGIDPPGNDGMSYGLFTSKGEKISDKAPSSANFAIWWDGDLVRELL
DHDWDGTIGRPKIEKWDAENGCLKTIFQPAGVLSNNGTKGNPVLQANLFGDWREEVIWRTEDSSALRIYTTTHLTRHCFY
TLMHDPVYRLGIAWQNTAYNQPPHTSFYLGTGMKKPPKPALYIAGSKAEAPLLEHHHHHH
;
_entity_poly.pdbx_strand_id   A
#
loop_
_chem_comp.id
_chem_comp.type
_chem_comp.name
_chem_comp.formula
CA non-polymer 'CALCIUM ION' 'Ca 2'
#
# COMPACT_ATOMS: atom_id res chain seq x y z
N PRO A 3 4.82 -12.96 22.29
CA PRO A 3 3.88 -12.64 21.22
C PRO A 3 3.63 -13.82 20.27
N LYS A 4 2.41 -13.88 19.73
CA LYS A 4 2.05 -14.86 18.70
C LYS A 4 2.96 -14.66 17.49
N LYS A 5 3.33 -15.76 16.83
CA LYS A 5 4.10 -15.67 15.59
C LYS A 5 3.14 -15.60 14.41
N ARG A 6 3.32 -14.58 13.58
CA ARG A 6 2.49 -14.38 12.40
C ARG A 6 3.08 -15.04 11.16
N GLN A 7 2.22 -15.65 10.36
CA GLN A 7 2.62 -16.13 9.05
C GLN A 7 3.16 -14.97 8.22
N MET A 8 4.36 -15.13 7.68
CA MET A 8 4.93 -14.12 6.78
CA MET A 8 4.93 -14.12 6.78
C MET A 8 5.62 -14.77 5.58
N GLU A 9 6.01 -13.95 4.61
CA GLU A 9 6.55 -14.43 3.35
C GLU A 9 8.03 -14.79 3.40
N TYR A 10 8.37 -15.93 2.80
CA TYR A 10 9.76 -16.22 2.50
C TYR A 10 10.29 -15.14 1.56
N LEU A 11 11.44 -14.57 1.92
CA LEU A 11 12.12 -13.60 1.06
C LEU A 11 13.59 -13.97 0.92
N THR A 12 14.10 -13.82 -0.30
CA THR A 12 15.53 -13.96 -0.56
C THR A 12 16.25 -12.74 0.06
N ARG A 13 17.56 -12.68 -0.10
N ARG A 13 17.56 -12.70 -0.12
CA ARG A 13 18.33 -11.53 0.37
CA ARG A 13 18.37 -11.58 0.33
C ARG A 13 17.97 -10.23 -0.36
C ARG A 13 18.01 -10.26 -0.38
N GLY A 14 17.36 -10.34 -1.53
CA GLY A 14 16.97 -9.15 -2.30
C GLY A 14 18.13 -8.20 -2.57
N LEU A 15 19.28 -8.80 -2.89
CA LEU A 15 20.50 -8.05 -3.17
C LEU A 15 20.39 -7.28 -4.48
N ILE A 16 20.74 -6.00 -4.42
CA ILE A 16 20.81 -5.17 -5.63
C ILE A 16 22.11 -4.40 -5.66
N ALA A 17 22.54 -4.03 -6.86
CA ALA A 17 23.75 -3.24 -7.06
C ALA A 17 23.48 -2.19 -8.13
N VAL A 18 23.84 -0.95 -7.83
CA VAL A 18 23.52 0.19 -8.68
C VAL A 18 24.73 1.07 -8.90
N GLN A 19 25.03 1.34 -10.17
CA GLN A 19 26.09 2.26 -10.55
C GLN A 19 25.81 3.68 -10.05
N THR A 20 26.79 4.27 -9.38
CA THR A 20 26.77 5.70 -9.09
C THR A 20 28.07 6.32 -9.62
N GLU A 21 28.19 7.64 -9.47
CA GLU A 21 29.38 8.37 -9.91
CA GLU A 21 29.39 8.34 -9.92
C GLU A 21 30.55 8.18 -8.93
N GLN A 22 30.25 7.63 -7.75
CA GLN A 22 31.25 7.40 -6.70
C GLN A 22 31.60 5.92 -6.49
N GLY A 23 31.06 5.05 -7.34
CA GLY A 23 31.26 3.61 -7.19
C GLY A 23 29.92 2.89 -7.29
N VAL A 24 29.89 1.64 -6.85
CA VAL A 24 28.68 0.83 -6.95
C VAL A 24 28.02 0.71 -5.58
N PHE A 25 26.77 1.17 -5.51
CA PHE A 25 25.98 1.10 -4.29
C PHE A 25 25.30 -0.27 -4.21
N VAL A 26 25.46 -0.95 -3.08
CA VAL A 26 24.92 -2.29 -2.87
C VAL A 26 24.02 -2.29 -1.65
N SER A 27 22.85 -2.91 -1.77
CA SER A 27 21.96 -3.04 -0.61
C SER A 27 21.20 -4.35 -0.67
N TRP A 28 20.77 -4.81 0.49
CA TRP A 28 20.10 -6.10 0.62
C TRP A 28 19.20 -6.09 1.85
N ARG A 29 18.41 -7.16 2.00
CA ARG A 29 17.43 -7.26 3.08
C ARG A 29 18.03 -7.78 4.38
N PHE A 30 17.60 -7.19 5.49
CA PHE A 30 17.77 -7.79 6.80
C PHE A 30 16.47 -8.53 7.09
N LEU A 31 16.53 -9.86 7.13
CA LEU A 31 15.31 -10.66 7.16
C LEU A 31 14.79 -10.93 8.57
N GLY A 32 13.48 -11.10 8.69
CA GLY A 32 12.85 -11.39 9.98
C GLY A 32 13.34 -12.70 10.60
N THR A 33 13.91 -13.56 9.77
CA THR A 33 14.50 -14.81 10.24
C THR A 33 15.97 -14.64 10.69
N ASP A 34 16.58 -13.51 10.36
CA ASP A 34 17.92 -13.20 10.84
C ASP A 34 17.91 -12.89 12.33
N HIS A 35 19.04 -13.15 12.99
CA HIS A 35 19.22 -12.79 14.37
C HIS A 35 19.65 -11.33 14.44
N GLU A 36 19.36 -10.69 15.57
CA GLU A 36 19.73 -9.29 15.78
C GLU A 36 21.25 -9.08 15.63
N THR A 37 22.01 -10.14 15.93
CA THR A 37 23.47 -10.12 15.85
C THR A 37 24.02 -10.56 14.48
N THR A 38 23.13 -10.91 13.54
CA THR A 38 23.54 -11.31 12.20
C THR A 38 24.31 -10.19 11.50
N ALA A 39 25.44 -10.55 10.89
CA ALA A 39 26.25 -9.62 10.11
C ALA A 39 26.46 -10.20 8.72
N PHE A 40 27.18 -9.47 7.86
CA PHE A 40 27.27 -9.83 6.44
C PHE A 40 28.64 -9.67 5.83
N HIS A 41 29.00 -10.65 5.00
CA HIS A 41 30.13 -10.50 4.09
C HIS A 41 29.65 -10.23 2.67
N LEU A 42 30.39 -9.38 1.97
N LEU A 42 30.41 -9.41 1.95
CA LEU A 42 30.11 -9.10 0.56
CA LEU A 42 30.09 -9.07 0.57
C LEU A 42 31.21 -9.67 -0.31
C LEU A 42 31.20 -9.55 -0.36
N TYR A 43 30.80 -10.17 -1.48
CA TYR A 43 31.71 -10.74 -2.45
C TYR A 43 31.54 -10.03 -3.78
N ARG A 44 32.66 -9.66 -4.42
CA ARG A 44 32.62 -9.10 -5.75
C ARG A 44 33.44 -10.00 -6.66
N ASP A 45 32.83 -10.47 -7.75
CA ASP A 45 33.49 -11.38 -8.68
C ASP A 45 34.08 -12.60 -7.95
N GLY A 46 33.32 -13.12 -6.99
CA GLY A 46 33.70 -14.32 -6.24
C GLY A 46 34.61 -14.11 -5.04
N LYS A 47 35.15 -12.91 -4.90
CA LYS A 47 36.13 -12.62 -3.85
C LYS A 47 35.54 -11.77 -2.74
N ARG A 48 35.87 -12.11 -1.50
CA ARG A 48 35.40 -11.34 -0.34
CA ARG A 48 35.40 -11.34 -0.34
C ARG A 48 36.04 -9.96 -0.32
N ILE A 49 35.19 -8.93 -0.26
CA ILE A 49 35.67 -7.53 -0.24
C ILE A 49 35.42 -6.86 1.10
N THR A 50 34.73 -7.58 1.99
CA THR A 50 34.62 -7.18 3.39
C THR A 50 35.65 -7.98 4.19
N ARG A 51 36.16 -7.38 5.26
CA ARG A 51 37.02 -8.11 6.19
C ARG A 51 36.22 -8.36 7.46
N ASP A 52 35.93 -7.26 8.17
CA ASP A 52 35.01 -7.26 9.30
CA ASP A 52 35.02 -7.33 9.30
C ASP A 52 33.59 -7.32 8.75
N PRO A 53 32.77 -8.30 9.20
CA PRO A 53 31.40 -8.37 8.69
C PRO A 53 30.61 -7.08 8.94
N ILE A 54 29.80 -6.69 7.95
CA ILE A 54 28.95 -5.50 8.05
C ILE A 54 27.81 -5.80 9.00
N ALA A 55 27.73 -5.03 10.09
CA ALA A 55 26.77 -5.33 11.16
C ALA A 55 25.86 -4.19 11.56
N GLU A 56 26.08 -2.99 10.99
CA GLU A 56 25.35 -1.78 11.37
CA GLU A 56 25.34 -1.80 11.38
C GLU A 56 24.34 -1.33 10.31
N SER A 57 24.38 -1.96 9.14
CA SER A 57 23.47 -1.63 8.06
C SER A 57 23.44 -2.80 7.10
N THR A 58 22.58 -2.73 6.09
CA THR A 58 22.62 -3.69 5.01
C THR A 58 22.82 -2.96 3.68
N ASN A 59 23.77 -2.03 3.67
CA ASN A 59 24.22 -1.36 2.46
C ASN A 59 25.71 -1.07 2.46
N PHE A 60 26.24 -0.74 1.29
CA PHE A 60 27.68 -0.62 1.10
C PHE A 60 27.96 0.13 -0.19
N LEU A 61 28.89 1.07 -0.14
CA LEU A 61 29.33 1.75 -1.34
C LEU A 61 30.71 1.22 -1.70
N ASP A 62 30.75 0.45 -2.79
CA ASP A 62 31.99 -0.16 -3.25
C ASP A 62 32.67 0.76 -4.25
N GLN A 63 33.69 1.46 -3.78
CA GLN A 63 34.44 2.41 -4.62
C GLN A 63 35.20 1.71 -5.75
N ASN A 64 35.39 0.40 -5.61
CA ASN A 64 36.13 -0.41 -6.59
C ASN A 64 35.23 -1.18 -7.56
N GLY A 65 33.92 -1.02 -7.41
CA GLY A 65 32.97 -1.67 -8.31
C GLY A 65 32.95 -1.02 -9.68
N THR A 66 32.70 -1.83 -10.71
CA THR A 66 32.59 -1.34 -12.08
C THR A 66 31.30 -1.85 -12.70
N ALA A 67 31.03 -1.45 -13.94
CA ALA A 67 29.82 -1.85 -14.66
C ALA A 67 29.68 -3.36 -14.80
N ASP A 68 30.82 -4.07 -14.83
CA ASP A 68 30.88 -5.50 -15.08
CA ASP A 68 30.80 -5.51 -15.07
C ASP A 68 30.93 -6.35 -13.79
N SER A 69 30.94 -5.68 -12.64
CA SER A 69 31.04 -6.38 -11.36
C SER A 69 29.79 -7.22 -11.04
N VAL A 70 29.99 -8.32 -10.31
N VAL A 70 30.00 -8.36 -10.37
CA VAL A 70 28.92 -9.22 -9.88
CA VAL A 70 28.91 -9.17 -9.87
C VAL A 70 29.02 -9.48 -8.36
C VAL A 70 29.06 -9.27 -8.34
N TYR A 71 27.94 -9.20 -7.64
CA TYR A 71 27.95 -9.23 -6.17
C TYR A 71 27.17 -10.38 -5.57
N GLN A 72 27.66 -10.86 -4.43
CA GLN A 72 26.94 -11.81 -3.59
C GLN A 72 27.09 -11.39 -2.14
N VAL A 73 26.09 -11.71 -1.33
CA VAL A 73 26.14 -11.43 0.10
C VAL A 73 25.92 -12.72 0.90
N ALA A 74 26.61 -12.84 2.03
CA ALA A 74 26.47 -13.98 2.91
C ALA A 74 26.23 -13.52 4.34
N ALA A 75 25.20 -14.08 4.98
CA ALA A 75 24.98 -13.87 6.41
C ALA A 75 26.08 -14.53 7.23
N VAL A 76 26.44 -13.90 8.35
CA VAL A 76 27.41 -14.46 9.29
C VAL A 76 26.78 -14.48 10.68
N ASN A 77 26.81 -15.65 11.31
CA ASN A 77 26.27 -15.83 12.66
C ASN A 77 27.28 -16.61 13.50
N LYS A 78 27.66 -16.04 14.64
CA LYS A 78 28.63 -16.66 15.55
CA LYS A 78 28.64 -16.64 15.55
C LYS A 78 29.93 -17.04 14.83
N GLY A 79 30.37 -16.17 13.93
CA GLY A 79 31.59 -16.39 13.15
C GLY A 79 31.45 -17.37 12.00
N ARG A 80 30.30 -18.04 11.92
CA ARG A 80 30.03 -19.02 10.87
CA ARG A 80 30.03 -19.02 10.87
C ARG A 80 29.27 -18.37 9.71
N GLU A 81 29.89 -18.39 8.54
CA GLU A 81 29.30 -17.82 7.34
C GLU A 81 28.31 -18.80 6.73
N GLU A 82 27.20 -18.27 6.23
CA GLU A 82 26.18 -19.09 5.59
C GLU A 82 26.24 -19.02 4.07
N LYS A 83 25.31 -19.72 3.41
CA LYS A 83 25.27 -19.81 1.96
CA LYS A 83 25.28 -19.81 1.96
C LYS A 83 25.20 -18.44 1.29
N LEU A 84 26.04 -18.23 0.28
CA LEU A 84 26.04 -16.98 -0.48
C LEU A 84 24.78 -16.82 -1.32
N SER A 85 24.35 -15.57 -1.46
CA SER A 85 23.18 -15.21 -2.25
C SER A 85 23.42 -15.47 -3.74
N LYS A 86 22.33 -15.39 -4.52
CA LYS A 86 22.44 -15.32 -5.96
C LYS A 86 23.32 -14.14 -6.35
N LYS A 87 23.94 -14.24 -7.52
N LYS A 87 23.86 -14.18 -7.56
CA LYS A 87 24.77 -13.16 -8.04
CA LYS A 87 24.80 -13.18 -8.06
C LYS A 87 23.91 -12.01 -8.52
C LYS A 87 24.09 -12.00 -8.70
N ALA A 88 24.28 -10.81 -8.12
CA ALA A 88 23.61 -9.60 -8.58
C ALA A 88 24.52 -8.79 -9.50
N ARG A 89 24.00 -8.45 -10.67
CA ARG A 89 24.70 -7.58 -11.62
C ARG A 89 24.43 -6.12 -11.31
N VAL A 90 25.25 -5.23 -11.88
CA VAL A 90 25.15 -3.80 -11.59
C VAL A 90 24.16 -3.13 -12.53
N TRP A 91 23.13 -2.50 -11.97
CA TRP A 91 22.23 -1.68 -12.79
C TRP A 91 22.95 -0.41 -13.19
N GLN A 92 22.74 0.03 -14.43
CA GLN A 92 23.38 1.23 -14.93
C GLN A 92 22.88 2.51 -14.26
N GLU A 93 21.62 2.49 -13.82
CA GLU A 93 21.00 3.61 -13.13
C GLU A 93 20.17 3.05 -11.97
N ASN A 94 19.69 3.92 -11.08
CA ASN A 94 18.86 3.49 -9.94
C ASN A 94 17.41 3.18 -10.35
N VAL A 95 17.26 2.64 -11.57
CA VAL A 95 15.96 2.32 -12.13
CA VAL A 95 15.96 2.31 -12.09
C VAL A 95 15.94 0.91 -12.70
N LEU A 96 14.92 0.14 -12.34
CA LEU A 96 14.65 -1.16 -12.94
C LEU A 96 13.39 -0.98 -13.78
N GLU A 97 13.55 -1.12 -15.10
CA GLU A 97 12.43 -0.93 -16.02
C GLU A 97 11.78 -2.28 -16.31
N VAL A 98 10.47 -2.35 -16.10
CA VAL A 98 9.69 -3.55 -16.38
C VAL A 98 8.80 -3.28 -17.59
N PRO A 99 9.13 -3.86 -18.75
CA PRO A 99 8.28 -3.66 -19.93
C PRO A 99 6.89 -4.24 -19.70
N LEU A 100 5.88 -3.57 -20.24
CA LEU A 100 4.48 -4.00 -20.07
C LEU A 100 3.89 -4.46 -21.39
N ALA A 101 2.89 -5.33 -21.30
CA ALA A 101 2.07 -5.67 -22.46
C ALA A 101 0.87 -4.72 -22.47
N LYS A 102 1.06 -3.53 -23.03
CA LYS A 102 0.02 -2.51 -22.99
C LYS A 102 -1.20 -2.97 -23.79
N PRO A 103 -2.37 -3.02 -23.13
CA PRO A 103 -3.56 -3.47 -23.82
C PRO A 103 -4.05 -2.43 -24.81
N GLU A 104 -4.60 -2.90 -25.93
CA GLU A 104 -5.15 -1.99 -26.93
CA GLU A 104 -5.16 -2.00 -26.94
C GLU A 104 -6.42 -1.36 -26.38
N GLY A 105 -6.69 -0.14 -26.81
CA GLY A 105 -7.89 0.58 -26.43
C GLY A 105 -9.10 -0.01 -27.13
N GLY A 106 -10.21 0.70 -27.02
CA GLY A 106 -11.43 0.24 -27.62
C GLY A 106 -12.43 1.36 -27.73
N VAL A 107 -13.68 0.97 -27.90
CA VAL A 107 -14.79 1.90 -28.04
CA VAL A 107 -14.78 1.90 -28.02
C VAL A 107 -15.92 1.41 -27.14
N THR A 108 -16.51 2.32 -26.37
CA THR A 108 -17.66 1.96 -25.53
C THR A 108 -18.93 1.96 -26.40
N PRO A 109 -20.05 1.39 -25.88
CA PRO A 109 -21.27 1.27 -26.68
C PRO A 109 -21.77 2.56 -27.35
N ASP A 110 -21.43 3.71 -26.77
CA ASP A 110 -21.84 5.01 -27.31
C ASP A 110 -20.88 5.59 -28.36
N GLY A 111 -19.93 4.77 -28.80
CA GLY A 111 -19.02 5.16 -29.89
C GLY A 111 -17.81 5.97 -29.47
N LYS A 112 -17.64 6.15 -28.15
CA LYS A 112 -16.53 6.95 -27.63
C LYS A 112 -15.29 6.08 -27.39
N PRO A 113 -14.13 6.50 -27.94
CA PRO A 113 -12.91 5.72 -27.79
C PRO A 113 -12.28 5.89 -26.41
N TYR A 114 -11.46 4.92 -26.02
CA TYR A 114 -10.67 5.01 -24.79
C TYR A 114 -9.35 4.27 -24.99
N THR A 115 -8.38 4.59 -24.15
CA THR A 115 -7.08 3.90 -24.13
C THR A 115 -6.81 3.50 -22.69
N TYR A 116 -5.74 2.73 -22.49
CA TYR A 116 -5.36 2.26 -21.16
C TYR A 116 -4.07 2.91 -20.66
N SER A 117 -3.99 3.07 -19.34
CA SER A 117 -2.74 3.46 -18.70
C SER A 117 -2.51 2.56 -17.50
N ALA A 118 -1.23 2.35 -17.17
CA ALA A 118 -0.83 1.55 -16.02
C ALA A 118 -1.19 2.30 -14.73
N ASN A 119 -1.95 1.65 -13.86
CA ASN A 119 -2.58 2.31 -12.72
C ASN A 119 -2.09 1.68 -11.41
N ASP A 120 -2.97 1.47 -10.43
CA ASP A 120 -2.56 0.92 -9.12
C ASP A 120 -1.95 -0.47 -9.26
N ALA A 121 -0.97 -0.77 -8.40
CA ALA A 121 -0.41 -2.11 -8.33
C ALA A 121 -0.38 -2.63 -6.90
N SER A 122 -0.12 -3.93 -6.80
CA SER A 122 0.20 -4.57 -5.54
C SER A 122 1.31 -5.56 -5.82
N VAL A 123 1.78 -6.24 -4.78
CA VAL A 123 2.78 -7.27 -4.97
C VAL A 123 2.41 -8.54 -4.21
N GLY A 124 2.86 -9.67 -4.76
CA GLY A 124 2.80 -10.93 -4.06
C GLY A 124 3.82 -11.85 -4.71
N ASP A 125 4.31 -12.80 -3.93
CA ASP A 125 5.20 -13.82 -4.48
C ASP A 125 4.32 -14.97 -4.95
N ILE A 126 4.05 -15.01 -6.24
CA ILE A 126 3.04 -15.94 -6.76
C ILE A 126 3.55 -17.36 -6.96
N ASP A 127 4.88 -17.53 -6.95
CA ASP A 127 5.49 -18.86 -7.15
C ASP A 127 6.37 -19.35 -6.00
N GLY A 128 6.51 -18.54 -4.96
CA GLY A 128 7.14 -18.96 -3.72
C GLY A 128 8.66 -18.99 -3.71
N ASP A 129 9.28 -18.23 -4.60
CA ASP A 129 10.73 -18.22 -4.71
C ASP A 129 11.43 -17.11 -3.91
N GLY A 130 10.63 -16.32 -3.18
CA GLY A 130 11.16 -15.27 -2.33
C GLY A 130 11.40 -13.94 -3.02
N GLU A 131 10.83 -13.78 -4.22
CA GLU A 131 10.87 -12.52 -4.96
C GLU A 131 9.46 -12.13 -5.35
N TYR A 132 9.12 -10.85 -5.21
CA TYR A 132 7.79 -10.37 -5.53
C TYR A 132 7.54 -10.26 -7.03
N GLU A 133 6.32 -10.63 -7.42
CA GLU A 133 5.76 -10.29 -8.73
C GLU A 133 4.87 -9.05 -8.57
N MET A 134 4.68 -8.34 -9.67
CA MET A 134 3.82 -7.16 -9.73
CA MET A 134 3.79 -7.18 -9.68
C MET A 134 2.42 -7.55 -10.20
N ILE A 135 1.40 -7.14 -9.46
CA ILE A 135 0.04 -7.31 -9.90
C ILE A 135 -0.46 -5.91 -10.25
N LEU A 136 -0.74 -5.70 -11.54
CA LEU A 136 -1.02 -4.36 -12.06
C LEU A 136 -2.45 -4.21 -12.57
N LYS A 137 -3.12 -3.15 -12.09
CA LYS A 137 -4.42 -2.76 -12.63
C LYS A 137 -4.26 -1.75 -13.76
N TRP A 138 -4.88 -2.04 -14.90
CA TRP A 138 -4.96 -1.10 -16.01
C TRP A 138 -6.23 -0.27 -15.86
N ASP A 139 -6.12 1.02 -16.15
CA ASP A 139 -7.26 1.93 -16.05
C ASP A 139 -7.58 2.50 -17.43
N PRO A 140 -8.83 2.35 -17.87
CA PRO A 140 -9.21 2.97 -19.15
C PRO A 140 -9.37 4.48 -18.95
N SER A 141 -9.19 5.24 -20.02
CA SER A 141 -9.18 6.70 -19.95
C SER A 141 -10.57 7.30 -19.69
N ASN A 142 -11.58 6.43 -19.68
CA ASN A 142 -12.95 6.83 -19.39
C ASN A 142 -13.44 6.34 -18.03
N SER A 143 -12.51 5.94 -17.16
CA SER A 143 -12.90 5.50 -15.82
C SER A 143 -13.66 6.60 -15.06
N LYS A 144 -14.52 6.19 -14.14
CA LYS A 144 -15.53 7.09 -13.57
C LYS A 144 -15.55 7.19 -12.06
N ASP A 145 -15.73 8.43 -11.56
CA ASP A 145 -16.26 8.70 -10.24
C ASP A 145 -17.70 8.20 -10.23
N ASN A 146 -18.15 7.63 -9.12
CA ASN A 146 -19.48 6.98 -9.05
C ASN A 146 -20.60 7.84 -9.61
N ALA A 147 -20.66 9.10 -9.18
CA ALA A 147 -21.78 9.98 -9.49
C ALA A 147 -21.78 10.54 -10.91
N HIS A 148 -20.68 10.36 -11.64
CA HIS A 148 -20.58 10.79 -13.04
C HIS A 148 -21.07 9.66 -13.94
N ASP A 149 -22.04 9.95 -14.80
CA ASP A 149 -22.57 8.97 -15.76
C ASP A 149 -21.54 8.63 -16.82
N GLY A 150 -21.70 7.47 -17.44
CA GLY A 150 -20.93 7.14 -18.64
C GLY A 150 -20.36 5.73 -18.61
N TYR A 151 -20.21 5.16 -19.81
CA TYR A 151 -19.63 3.84 -19.98
C TYR A 151 -18.13 3.86 -19.71
N THR A 152 -17.64 2.73 -19.19
CA THR A 152 -16.21 2.58 -18.96
C THR A 152 -15.65 1.37 -19.71
N GLY A 153 -14.37 1.45 -20.07
CA GLY A 153 -13.68 0.29 -20.61
C GLY A 153 -13.51 -0.78 -19.55
N GLU A 154 -13.34 -2.02 -19.99
CA GLU A 154 -13.14 -3.16 -19.10
CA GLU A 154 -13.18 -3.12 -19.06
C GLU A 154 -11.86 -2.98 -18.29
N VAL A 155 -11.89 -3.43 -17.03
CA VAL A 155 -10.72 -3.36 -16.15
C VAL A 155 -9.89 -4.62 -16.36
N LEU A 156 -8.58 -4.44 -16.52
CA LEU A 156 -7.65 -5.55 -16.74
C LEU A 156 -6.64 -5.59 -15.62
N ILE A 157 -6.37 -6.79 -15.13
CA ILE A 157 -5.40 -7.02 -14.06
C ILE A 157 -4.34 -7.98 -14.58
N ASP A 158 -3.08 -7.56 -14.56
CA ASP A 158 -1.96 -8.37 -15.09
C ASP A 158 -1.02 -8.81 -13.98
N ALA A 159 -0.30 -9.91 -14.21
CA ALA A 159 0.86 -10.26 -13.39
C ALA A 159 2.14 -10.21 -14.22
N TYR A 160 3.17 -9.61 -13.64
CA TYR A 160 4.49 -9.51 -14.25
C TYR A 160 5.59 -9.91 -13.29
N LYS A 161 6.62 -10.58 -13.81
CA LYS A 161 7.85 -10.78 -13.06
CA LYS A 161 7.85 -10.78 -13.06
C LYS A 161 8.72 -9.54 -13.23
N LEU A 162 9.63 -9.33 -12.28
CA LEU A 162 10.51 -8.17 -12.29
C LEU A 162 11.43 -8.12 -13.51
N ASP A 163 11.64 -9.26 -14.16
CA ASP A 163 12.45 -9.29 -15.38
C ASP A 163 11.65 -8.93 -16.64
N GLY A 164 10.39 -8.55 -16.45
CA GLY A 164 9.53 -8.17 -17.57
C GLY A 164 8.70 -9.29 -18.18
N THR A 165 8.74 -10.49 -17.60
CA THR A 165 7.91 -11.59 -18.10
C THR A 165 6.44 -11.32 -17.79
N PHE A 166 5.62 -11.24 -18.84
CA PHE A 166 4.18 -11.18 -18.69
C PHE A 166 3.66 -12.57 -18.33
N LEU A 167 2.92 -12.67 -17.23
CA LEU A 167 2.45 -13.99 -16.76
C LEU A 167 1.03 -14.31 -17.17
N TRP A 168 0.11 -13.37 -16.92
CA TRP A 168 -1.29 -13.54 -17.27
C TRP A 168 -2.06 -12.23 -17.15
N ARG A 169 -3.27 -12.25 -17.68
CA ARG A 169 -4.20 -11.13 -17.61
C ARG A 169 -5.60 -11.65 -17.25
N ILE A 170 -6.21 -11.00 -16.26
CA ILE A 170 -7.61 -11.20 -15.93
C ILE A 170 -8.39 -10.01 -16.48
N ASN A 171 -9.48 -10.30 -17.18
CA ASN A 171 -10.35 -9.27 -17.72
C ASN A 171 -11.65 -9.30 -16.92
N LEU A 172 -11.91 -8.25 -16.15
CA LEU A 172 -13.09 -8.25 -15.27
CA LEU A 172 -13.09 -8.23 -15.27
C LEU A 172 -14.40 -8.19 -16.04
N GLY A 173 -14.33 -7.74 -17.29
CA GLY A 173 -15.48 -7.80 -18.19
C GLY A 173 -16.43 -6.63 -18.09
N ARG A 174 -17.46 -6.66 -18.93
CA ARG A 174 -18.36 -5.51 -19.11
C ARG A 174 -19.17 -5.16 -17.88
N ASN A 175 -19.30 -6.09 -16.93
CA ASN A 175 -20.21 -5.89 -15.79
C ASN A 175 -19.53 -5.39 -14.52
N ILE A 176 -18.26 -5.02 -14.66
CA ILE A 176 -17.51 -4.37 -13.57
C ILE A 176 -17.06 -2.99 -14.07
N ARG A 177 -17.63 -1.94 -13.47
CA ARG A 177 -17.34 -0.58 -13.90
C ARG A 177 -15.93 -0.20 -13.47
N ALA A 178 -15.28 0.64 -14.27
CA ALA A 178 -13.93 1.12 -13.97
C ALA A 178 -13.98 2.43 -13.20
N GLY A 179 -13.17 2.53 -12.15
CA GLY A 179 -13.13 3.71 -11.30
C GLY A 179 -12.51 3.37 -9.95
N ALA A 180 -12.07 4.39 -9.24
CA ALA A 180 -11.33 4.19 -7.99
C ALA A 180 -12.08 3.34 -6.96
N HIS A 181 -13.40 3.49 -6.93
CA HIS A 181 -14.19 2.91 -5.84
C HIS A 181 -14.76 1.54 -6.14
N TYR A 182 -14.49 1.04 -7.34
CA TYR A 182 -15.02 -0.26 -7.77
C TYR A 182 -14.08 -1.42 -7.41
N THR A 183 -13.24 -1.88 -8.34
CA THR A 183 -12.34 -3.01 -8.07
C THR A 183 -11.29 -2.68 -7.02
N GLN A 184 -11.23 -3.52 -5.98
CA GLN A 184 -10.23 -3.43 -4.93
C GLN A 184 -9.59 -4.82 -4.90
N PHE A 185 -8.34 -4.91 -5.35
CA PHE A 185 -7.73 -6.22 -5.53
C PHE A 185 -6.75 -6.54 -4.41
N MET A 186 -7.00 -7.66 -3.74
CA MET A 186 -6.23 -8.06 -2.58
C MET A 186 -5.28 -9.19 -2.93
N VAL A 187 -3.98 -8.90 -2.83
CA VAL A 187 -2.92 -9.85 -3.14
C VAL A 187 -2.24 -10.31 -1.84
N TYR A 188 -2.34 -11.60 -1.56
CA TYR A 188 -1.76 -12.13 -0.32
C TYR A 188 -1.76 -13.65 -0.35
N ASP A 189 -0.83 -14.25 0.38
CA ASP A 189 -0.87 -15.69 0.58
C ASP A 189 -1.86 -15.97 1.71
N LEU A 190 -3.13 -16.11 1.34
CA LEU A 190 -4.20 -16.24 2.32
C LEU A 190 -4.24 -17.60 3.04
N ASP A 191 -3.82 -18.65 2.35
CA ASP A 191 -3.90 -20.01 2.93
C ASP A 191 -2.57 -20.52 3.50
N GLY A 192 -1.49 -19.77 3.25
CA GLY A 192 -0.19 -20.08 3.83
C GLY A 192 0.63 -21.18 3.17
N ASP A 193 0.37 -21.45 1.88
CA ASP A 193 1.16 -22.42 1.12
C ASP A 193 2.48 -21.84 0.58
N GLY A 194 2.69 -20.54 0.77
CA GLY A 194 3.89 -19.86 0.30
C GLY A 194 3.73 -19.10 -1.02
N LYS A 195 2.53 -19.13 -1.58
CA LYS A 195 2.26 -18.46 -2.85
C LYS A 195 1.05 -17.53 -2.71
N ALA A 196 1.17 -16.32 -3.25
CA ALA A 196 0.09 -15.35 -3.16
C ALA A 196 -1.06 -15.70 -4.11
N GLU A 197 -2.27 -15.36 -3.68
CA GLU A 197 -3.42 -15.35 -4.57
C GLU A 197 -3.99 -13.95 -4.62
N ILE A 198 -4.98 -13.76 -5.49
CA ILE A 198 -5.60 -12.46 -5.71
C ILE A 198 -7.10 -12.58 -5.54
N ALA A 199 -7.66 -11.80 -4.64
CA ALA A 199 -9.10 -11.78 -4.42
C ALA A 199 -9.68 -10.45 -4.86
N MET A 200 -10.81 -10.52 -5.57
CA MET A 200 -11.54 -9.31 -5.95
C MET A 200 -12.97 -9.62 -6.33
N LYS A 201 -13.78 -8.55 -6.38
CA LYS A 201 -15.16 -8.64 -6.81
C LYS A 201 -15.21 -8.87 -8.33
N THR A 202 -16.07 -9.81 -8.73
CA THR A 202 -16.17 -10.22 -10.13
C THR A 202 -17.65 -10.30 -10.52
N ALA A 203 -17.91 -10.63 -11.78
CA ALA A 203 -19.29 -10.64 -12.29
C ALA A 203 -19.41 -11.63 -13.43
N ASP A 204 -20.64 -11.85 -13.92
CA ASP A 204 -20.84 -12.53 -15.19
C ASP A 204 -19.93 -11.91 -16.24
N GLY A 205 -19.19 -12.75 -16.96
CA GLY A 205 -18.33 -12.26 -18.03
C GLY A 205 -16.88 -11.97 -17.67
N THR A 206 -16.56 -12.01 -16.38
CA THR A 206 -15.17 -11.95 -15.94
C THR A 206 -14.43 -13.14 -16.53
N THR A 207 -13.27 -12.88 -17.12
CA THR A 207 -12.47 -13.93 -17.75
C THR A 207 -11.17 -14.07 -16.97
N ASP A 208 -10.88 -15.28 -16.48
CA ASP A 208 -9.68 -15.50 -15.67
C ASP A 208 -8.41 -15.63 -16.54
N GLY A 209 -7.27 -15.86 -15.89
CA GLY A 209 -5.98 -15.87 -16.58
C GLY A 209 -5.79 -16.99 -17.58
N LYS A 210 -6.64 -18.02 -17.50
CA LYS A 210 -6.57 -19.13 -18.45
C LYS A 210 -7.72 -19.09 -19.47
N GLY A 211 -8.45 -17.98 -19.50
CA GLY A 211 -9.51 -17.79 -20.49
C GLY A 211 -10.88 -18.32 -20.08
N HIS A 212 -10.99 -18.81 -18.86
CA HIS A 212 -12.27 -19.34 -18.37
C HIS A 212 -13.18 -18.20 -17.89
N ILE A 213 -14.39 -18.19 -18.42
CA ILE A 213 -15.38 -17.13 -18.12
C ILE A 213 -16.26 -17.52 -16.94
N ILE A 214 -16.42 -16.58 -16.00
CA ILE A 214 -17.32 -16.73 -14.86
C ILE A 214 -18.75 -16.44 -15.28
N GLY A 215 -19.65 -17.38 -14.99
CA GLY A 215 -21.08 -17.17 -15.21
C GLY A 215 -21.48 -17.00 -16.67
N ASP A 216 -22.42 -16.08 -16.91
CA ASP A 216 -23.03 -15.90 -18.23
C ASP A 216 -22.21 -14.94 -19.11
N GLU A 217 -21.51 -15.50 -20.10
CA GLU A 217 -20.72 -14.71 -21.06
C GLU A 217 -21.55 -13.64 -21.80
N GLN A 218 -22.83 -13.91 -22.00
CA GLN A 218 -23.70 -13.02 -22.79
C GLN A 218 -24.32 -11.90 -21.96
N ALA A 219 -24.27 -12.03 -20.64
CA ALA A 219 -24.92 -11.08 -19.74
C ALA A 219 -24.37 -9.67 -19.87
N ASP A 220 -25.29 -8.71 -19.94
CA ASP A 220 -24.90 -7.30 -20.01
C ASP A 220 -25.83 -6.51 -19.10
N PHE A 221 -25.33 -6.15 -17.92
CA PHE A 221 -26.12 -5.46 -16.92
C PHE A 221 -25.85 -3.96 -16.88
N ARG A 222 -25.12 -3.46 -17.89
CA ARG A 222 -24.88 -2.02 -18.01
C ARG A 222 -26.14 -1.27 -18.43
N ASN A 223 -26.55 -0.28 -17.64
CA ASN A 223 -27.70 0.55 -18.00
C ASN A 223 -27.31 1.67 -18.97
N GLU A 224 -28.27 2.54 -19.31
CA GLU A 224 -28.03 3.59 -20.30
CA GLU A 224 -28.08 3.63 -20.27
C GLU A 224 -26.98 4.59 -19.84
N GLN A 225 -26.77 4.68 -18.52
CA GLN A 225 -25.78 5.58 -17.94
C GLN A 225 -24.42 4.92 -17.69
N GLY A 226 -24.25 3.68 -18.16
CA GLY A 226 -22.97 2.98 -18.02
C GLY A 226 -22.72 2.42 -16.63
N ARG A 227 -23.77 2.34 -15.82
CA ARG A 227 -23.64 1.76 -14.48
C ARG A 227 -24.16 0.33 -14.45
N ILE A 228 -23.68 -0.43 -13.47
CA ILE A 228 -24.20 -1.79 -13.25
C ILE A 228 -24.85 -1.81 -11.89
N LEU A 229 -26.18 -1.94 -11.88
CA LEU A 229 -26.99 -1.86 -10.66
C LEU A 229 -27.93 -3.05 -10.50
N SER A 230 -27.68 -4.09 -11.30
CA SER A 230 -28.49 -5.31 -11.31
C SER A 230 -27.62 -6.49 -11.71
N GLY A 231 -28.17 -7.69 -11.55
CA GLY A 231 -27.46 -8.91 -11.87
C GLY A 231 -26.59 -9.42 -10.73
N PRO A 232 -26.15 -10.69 -10.82
CA PRO A 232 -25.33 -11.28 -9.78
C PRO A 232 -24.05 -10.51 -9.50
N GLU A 233 -23.59 -10.56 -8.25
CA GLU A 233 -22.30 -10.01 -7.87
C GLU A 233 -21.52 -11.11 -7.20
N TYR A 234 -20.25 -11.26 -7.60
CA TYR A 234 -19.42 -12.35 -7.10
C TYR A 234 -18.14 -11.89 -6.43
N LEU A 235 -17.54 -12.81 -5.68
CA LEU A 235 -16.23 -12.64 -5.09
C LEU A 235 -15.38 -13.84 -5.47
N THR A 236 -14.23 -13.60 -6.08
CA THR A 236 -13.39 -14.68 -6.61
C THR A 236 -11.97 -14.62 -6.04
N VAL A 237 -11.43 -15.79 -5.70
CA VAL A 237 -10.02 -15.94 -5.39
C VAL A 237 -9.33 -16.59 -6.59
N PHE A 238 -8.30 -15.92 -7.11
CA PHE A 238 -7.56 -16.33 -8.31
C PHE A 238 -6.19 -16.85 -7.91
N LYS A 239 -5.76 -17.94 -8.54
CA LYS A 239 -4.41 -18.49 -8.33
C LYS A 239 -3.34 -17.48 -8.79
N GLY A 240 -2.34 -17.24 -7.94
CA GLY A 240 -1.28 -16.30 -8.25
C GLY A 240 -0.47 -16.59 -9.49
N GLU A 241 -0.11 -17.86 -9.67
N GLU A 241 -0.08 -17.84 -9.70
CA GLU A 241 0.77 -18.34 -10.73
CA GLU A 241 0.82 -18.13 -10.81
C GLU A 241 0.17 -18.23 -12.14
C GLU A 241 0.15 -18.08 -12.19
N THR A 242 -1.15 -18.39 -12.23
CA THR A 242 -1.85 -18.56 -13.51
C THR A 242 -2.99 -17.57 -13.74
N GLY A 243 -3.45 -16.94 -12.67
CA GLY A 243 -4.65 -16.10 -12.75
C GLY A 243 -5.95 -16.88 -12.87
N GLU A 244 -5.89 -18.19 -12.69
N GLU A 244 -5.88 -18.20 -12.67
CA GLU A 244 -7.09 -19.02 -12.83
CA GLU A 244 -7.06 -19.07 -12.74
C GLU A 244 -7.98 -18.89 -11.60
C GLU A 244 -7.98 -18.84 -11.56
N ALA A 245 -9.29 -18.85 -11.82
CA ALA A 245 -10.26 -18.79 -10.73
C ALA A 245 -10.20 -20.09 -9.91
N LEU A 246 -9.99 -19.95 -8.60
CA LEU A 246 -9.99 -21.09 -7.69
C LEU A 246 -11.36 -21.33 -7.08
N THR A 247 -11.98 -20.25 -6.62
CA THR A 247 -13.33 -20.33 -6.08
C THR A 247 -14.04 -19.01 -6.30
N THR A 248 -15.34 -19.08 -6.54
CA THR A 248 -16.20 -17.90 -6.70
C THR A 248 -17.41 -18.09 -5.80
N VAL A 249 -17.70 -17.08 -5.00
CA VAL A 249 -18.86 -17.10 -4.10
C VAL A 249 -19.69 -15.84 -4.36
N GLU A 250 -20.88 -15.78 -3.78
CA GLU A 250 -21.69 -14.58 -3.92
CA GLU A 250 -21.73 -14.59 -3.87
C GLU A 250 -21.06 -13.44 -3.13
N TYR A 251 -21.05 -12.25 -3.72
CA TYR A 251 -20.52 -11.07 -3.03
C TYR A 251 -21.47 -10.69 -1.89
N GLU A 252 -20.90 -10.43 -0.71
CA GLU A 252 -21.65 -10.01 0.46
CA GLU A 252 -21.67 -9.99 0.45
C GLU A 252 -21.14 -8.65 0.98
N PRO A 253 -22.05 -7.70 1.29
CA PRO A 253 -23.51 -7.81 1.20
C PRO A 253 -24.01 -7.58 -0.23
N PRO A 254 -25.18 -8.17 -0.56
CA PRO A 254 -25.80 -7.97 -1.87
C PRO A 254 -26.41 -6.57 -1.92
N ARG A 255 -26.87 -6.17 -3.10
CA ARG A 255 -27.48 -4.84 -3.25
C ARG A 255 -28.74 -4.69 -2.41
N GLY A 256 -29.60 -5.71 -2.46
CA GLY A 256 -30.94 -5.57 -1.90
C GLY A 256 -31.67 -4.44 -2.59
N LYS A 257 -32.54 -3.77 -1.85
CA LYS A 257 -33.26 -2.60 -2.38
C LYS A 257 -32.27 -1.45 -2.51
N LEU A 258 -32.11 -0.94 -3.73
CA LEU A 258 -31.10 0.10 -4.00
C LEU A 258 -31.19 1.30 -3.05
N GLU A 259 -32.41 1.80 -2.87
CA GLU A 259 -32.67 3.00 -2.09
C GLU A 259 -32.28 2.89 -0.61
N ASP A 260 -32.18 1.67 -0.10
CA ASP A 260 -31.81 1.44 1.29
C ASP A 260 -30.36 1.84 1.60
N TRP A 261 -29.56 2.06 0.55
CA TRP A 261 -28.19 2.55 0.70
C TRP A 261 -28.11 4.07 0.76
N GLY A 262 -29.22 4.75 0.48
CA GLY A 262 -29.26 6.21 0.59
C GLY A 262 -29.50 6.95 -0.71
N ASP A 263 -29.38 6.24 -1.84
CA ASP A 263 -29.75 6.77 -3.16
C ASP A 263 -30.07 5.62 -4.11
N GLY A 264 -30.72 5.95 -5.22
CA GLY A 264 -31.12 4.93 -6.20
C GLY A 264 -30.17 4.74 -7.36
N TYR A 265 -28.98 5.35 -7.28
CA TYR A 265 -28.03 5.31 -8.37
C TYR A 265 -26.80 4.47 -8.07
N GLY A 266 -26.75 3.91 -6.86
CA GLY A 266 -25.60 3.12 -6.42
C GLY A 266 -24.40 3.96 -6.05
N ASN A 267 -24.60 5.26 -5.88
CA ASN A 267 -23.45 6.14 -5.55
C ASN A 267 -22.80 5.78 -4.22
N ARG A 268 -23.62 5.66 -3.19
CA ARG A 268 -23.15 5.23 -1.87
C ARG A 268 -22.92 3.72 -1.82
N MET A 269 -23.78 2.97 -2.50
CA MET A 269 -23.76 1.51 -2.47
C MET A 269 -22.47 0.92 -3.03
N ASP A 270 -21.97 1.53 -4.11
CA ASP A 270 -20.78 1.01 -4.80
C ASP A 270 -19.49 1.67 -4.28
N ARG A 271 -19.36 1.74 -2.96
CA ARG A 271 -18.16 2.27 -2.33
C ARG A 271 -17.45 1.10 -1.66
N PHE A 272 -16.46 0.55 -2.36
CA PHE A 272 -15.80 -0.66 -1.89
C PHE A 272 -14.43 -0.40 -1.28
N LEU A 273 -14.08 -1.20 -0.28
CA LEU A 273 -12.73 -1.22 0.26
C LEU A 273 -12.34 -2.69 0.50
N ALA A 274 -11.04 -2.93 0.66
CA ALA A 274 -10.58 -4.28 0.97
C ALA A 274 -9.29 -4.24 1.76
N GLY A 275 -9.11 -5.26 2.59
CA GLY A 275 -7.89 -5.39 3.39
C GLY A 275 -7.60 -6.84 3.70
N THR A 276 -6.35 -7.09 4.10
CA THR A 276 -5.96 -8.34 4.72
C THR A 276 -5.67 -8.06 6.19
N ALA A 277 -6.18 -8.91 7.09
CA ALA A 277 -6.02 -8.69 8.52
C ALA A 277 -5.82 -10.02 9.25
N TYR A 278 -4.89 -10.02 10.21
CA TYR A 278 -4.65 -11.22 11.02
C TYR A 278 -5.59 -11.18 12.21
N LEU A 279 -6.84 -11.55 11.95
CA LEU A 279 -7.91 -11.47 12.95
C LEU A 279 -7.70 -12.45 14.11
N ASP A 280 -6.96 -13.53 13.88
CA ASP A 280 -6.60 -14.45 14.98
C ASP A 280 -5.17 -14.24 15.46
N GLY A 281 -4.50 -13.23 14.90
CA GLY A 281 -3.14 -12.87 15.28
C GLY A 281 -2.06 -13.82 14.80
N GLU A 282 -2.43 -14.75 13.92
CA GLU A 282 -1.49 -15.77 13.45
C GLU A 282 -1.52 -15.95 11.93
N ARG A 283 -2.73 -16.02 11.38
CA ARG A 283 -2.92 -16.24 9.95
CA ARG A 283 -2.91 -16.22 9.94
C ARG A 283 -3.77 -15.11 9.34
N PRO A 284 -3.55 -14.80 8.04
CA PRO A 284 -4.34 -13.73 7.42
C PRO A 284 -5.79 -14.10 7.12
N SER A 285 -6.68 -13.12 7.27
CA SER A 285 -8.06 -13.21 6.80
C SER A 285 -8.29 -12.12 5.77
N LEU A 286 -9.23 -12.37 4.86
CA LEU A 286 -9.63 -11.40 3.85
C LEU A 286 -10.81 -10.59 4.34
N VAL A 287 -10.75 -9.27 4.20
CA VAL A 287 -11.86 -8.41 4.61
C VAL A 287 -12.31 -7.59 3.40
N MET A 288 -13.53 -7.87 2.94
CA MET A 288 -14.16 -7.11 1.85
C MET A 288 -15.23 -6.21 2.45
N ALA A 289 -15.18 -4.93 2.11
CA ALA A 289 -16.09 -3.95 2.69
C ALA A 289 -16.92 -3.24 1.63
N ARG A 290 -18.15 -2.91 1.99
CA ARG A 290 -19.06 -2.15 1.13
C ARG A 290 -19.75 -1.08 1.95
N GLY A 291 -19.56 0.18 1.54
CA GLY A 291 -20.26 1.31 2.15
C GLY A 291 -19.48 2.06 3.20
N TYR A 292 -19.59 3.39 3.17
CA TYR A 292 -19.13 4.19 4.30
C TYR A 292 -19.93 5.44 4.62
N TYR A 293 -20.57 6.04 3.61
CA TYR A 293 -21.35 7.27 3.85
C TYR A 293 -22.59 7.03 4.70
N THR A 294 -23.22 5.88 4.47
CA THR A 294 -24.40 5.46 5.21
C THR A 294 -24.14 4.04 5.72
N ARG A 295 -25.00 3.07 5.37
CA ARG A 295 -24.77 1.67 5.75
C ARG A 295 -23.35 1.22 5.43
N THR A 296 -22.72 0.58 6.41
CA THR A 296 -21.33 0.20 6.34
C THR A 296 -21.22 -1.28 6.70
N VAL A 297 -20.66 -2.07 5.78
CA VAL A 297 -20.58 -3.51 5.98
C VAL A 297 -19.17 -4.02 5.72
N LEU A 298 -18.63 -4.79 6.67
CA LEU A 298 -17.33 -5.44 6.51
C LEU A 298 -17.55 -6.93 6.66
N VAL A 299 -17.08 -7.70 5.69
CA VAL A 299 -17.21 -9.15 5.73
C VAL A 299 -15.83 -9.80 5.74
N ALA A 300 -15.56 -10.62 6.75
CA ALA A 300 -14.28 -11.31 6.89
C ALA A 300 -14.39 -12.75 6.43
N TYR A 301 -13.34 -13.23 5.78
CA TYR A 301 -13.24 -14.58 5.26
C TYR A 301 -11.89 -15.19 5.55
N ASP A 302 -11.89 -16.51 5.67
CA ASP A 302 -10.67 -17.29 5.69
C ASP A 302 -10.63 -18.15 4.45
N PHE A 303 -9.46 -18.23 3.82
CA PHE A 303 -9.27 -19.05 2.63
C PHE A 303 -8.40 -20.23 2.99
N ARG A 304 -8.93 -21.43 2.76
CA ARG A 304 -8.25 -22.68 3.12
C ARG A 304 -8.71 -23.77 2.17
N ASN A 305 -7.77 -24.58 1.72
CA ASN A 305 -8.11 -25.74 0.89
C ASN A 305 -9.11 -25.38 -0.21
N GLY A 306 -8.80 -24.30 -0.93
CA GLY A 306 -9.57 -23.89 -2.11
C GLY A 306 -10.93 -23.26 -1.87
N ARG A 307 -11.25 -22.98 -0.61
CA ARG A 307 -12.57 -22.44 -0.26
CA ARG A 307 -12.57 -22.45 -0.25
C ARG A 307 -12.48 -21.21 0.63
N LEU A 308 -13.38 -20.27 0.38
CA LEU A 308 -13.59 -19.13 1.25
C LEU A 308 -14.65 -19.53 2.26
N LYS A 309 -14.39 -19.22 3.53
CA LYS A 309 -15.37 -19.46 4.57
C LYS A 309 -15.57 -18.14 5.28
N LYS A 310 -16.82 -17.68 5.32
CA LYS A 310 -17.16 -16.45 6.03
C LYS A 310 -16.85 -16.58 7.53
N ARG A 311 -16.12 -15.60 8.05
CA ARG A 311 -15.69 -15.59 9.43
C ARG A 311 -16.65 -14.78 10.30
N TRP A 312 -16.91 -13.55 9.87
CA TRP A 312 -17.90 -12.71 10.50
C TRP A 312 -18.37 -11.60 9.58
N VAL A 313 -19.45 -10.93 10.01
N VAL A 313 -19.44 -10.92 9.99
CA VAL A 313 -19.97 -9.76 9.32
CA VAL A 313 -19.91 -9.74 9.29
C VAL A 313 -20.17 -8.63 10.34
C VAL A 313 -20.25 -8.61 10.26
N PHE A 314 -19.62 -7.46 10.04
CA PHE A 314 -19.96 -6.23 10.76
C PHE A 314 -20.88 -5.43 9.83
N ASP A 315 -22.02 -5.00 10.36
CA ASP A 315 -23.02 -4.26 9.60
C ASP A 315 -23.56 -3.16 10.50
N SER A 316 -23.47 -1.91 10.04
CA SER A 316 -23.96 -0.77 10.82
C SER A 316 -25.47 -0.82 11.06
N ASN A 317 -26.17 -1.64 10.28
CA ASN A 317 -27.60 -1.88 10.48
C ASN A 317 -27.90 -2.80 11.68
N GLN A 318 -26.88 -3.51 12.16
CA GLN A 318 -26.99 -4.38 13.34
C GLN A 318 -27.32 -3.53 14.57
N PRO A 319 -28.15 -4.07 15.48
CA PRO A 319 -28.45 -3.34 16.72
C PRO A 319 -27.20 -2.93 17.49
N GLY A 320 -27.13 -1.66 17.88
CA GLY A 320 -25.97 -1.14 18.60
C GLY A 320 -24.86 -0.60 17.72
N HIS A 321 -25.01 -0.74 16.40
CA HIS A 321 -23.96 -0.31 15.47
C HIS A 321 -24.33 0.89 14.60
N GLU A 322 -25.47 1.54 14.87
CA GLU A 322 -25.95 2.65 14.05
CA GLU A 322 -25.94 2.65 14.03
C GLU A 322 -24.98 3.83 13.96
N ALA A 323 -24.29 4.13 15.08
CA ALA A 323 -23.32 5.23 15.15
C ALA A 323 -22.07 4.99 14.30
N TYR A 324 -21.93 3.77 13.78
CA TYR A 324 -20.76 3.38 12.99
C TYR A 324 -20.92 3.73 11.51
N ALA A 325 -22.13 4.10 11.11
CA ALA A 325 -22.41 4.57 9.75
C ALA A 325 -21.81 5.97 9.54
N GLY A 326 -21.42 6.26 8.30
CA GLY A 326 -20.96 7.60 7.94
C GLY A 326 -19.54 7.95 8.35
N GLN A 327 -18.79 6.94 8.79
CA GLN A 327 -17.47 7.14 9.41
C GLN A 327 -16.29 6.72 8.55
N GLY A 328 -16.51 5.78 7.64
CA GLY A 328 -15.44 5.23 6.82
C GLY A 328 -14.81 6.24 5.89
N ASN A 329 -13.53 6.03 5.60
CA ASN A 329 -12.77 6.86 4.66
C ASN A 329 -12.74 6.17 3.30
N HIS A 330 -12.09 6.81 2.33
CA HIS A 330 -11.75 6.17 1.05
C HIS A 330 -10.50 5.28 1.18
N SER A 331 -10.26 4.77 2.39
CA SER A 331 -9.22 3.77 2.63
C SER A 331 -9.53 3.10 3.95
N LEU A 332 -8.81 2.04 4.25
CA LEU A 332 -8.84 1.49 5.60
C LEU A 332 -7.42 1.22 6.08
N SER A 333 -7.27 1.00 7.38
CA SER A 333 -5.99 0.61 7.95
C SER A 333 -6.18 -0.64 8.79
N VAL A 334 -5.09 -1.35 9.03
CA VAL A 334 -5.15 -2.62 9.77
C VAL A 334 -3.97 -2.68 10.72
N ALA A 335 -4.26 -2.93 12.00
CA ALA A 335 -3.21 -2.99 13.02
C ALA A 335 -3.76 -3.59 14.29
N ASP A 336 -2.87 -4.17 15.09
CA ASP A 336 -3.21 -4.52 16.47
C ASP A 336 -3.15 -3.25 17.30
N VAL A 337 -4.33 -2.72 17.61
CA VAL A 337 -4.43 -1.42 18.29
C VAL A 337 -4.72 -1.53 19.79
N ASP A 338 -5.09 -2.73 20.25
CA ASP A 338 -5.48 -2.92 21.65
C ASP A 338 -4.57 -3.88 22.42
N GLY A 339 -3.50 -4.34 21.78
CA GLY A 339 -2.47 -5.15 22.44
C GLY A 339 -2.75 -6.63 22.62
N ASP A 340 -3.80 -7.16 21.98
CA ASP A 340 -4.12 -8.58 22.11
C ASP A 340 -3.48 -9.47 21.05
N GLY A 341 -2.64 -8.88 20.20
CA GLY A 341 -1.90 -9.61 19.15
C GLY A 341 -2.69 -9.78 17.86
N LYS A 342 -3.99 -9.46 17.91
CA LYS A 342 -4.88 -9.65 16.78
C LYS A 342 -5.14 -8.32 16.09
N ASP A 343 -5.34 -8.34 14.77
CA ASP A 343 -5.60 -7.11 14.04
C ASP A 343 -7.02 -6.63 14.18
N GLU A 344 -7.15 -5.32 14.37
CA GLU A 344 -8.42 -4.62 14.24
C GLU A 344 -8.44 -3.88 12.89
N ILE A 345 -9.63 -3.50 12.44
CA ILE A 345 -9.76 -2.72 11.22
C ILE A 345 -10.06 -1.28 11.61
N ILE A 346 -9.18 -0.37 11.23
N ILE A 346 -9.17 -0.36 11.25
CA ILE A 346 -9.42 1.04 11.46
CA ILE A 346 -9.43 1.05 11.47
C ILE A 346 -10.05 1.59 10.18
C ILE A 346 -10.05 1.59 10.18
N TYR A 347 -11.37 1.70 10.22
CA TYR A 347 -12.17 2.00 9.05
C TYR A 347 -12.50 3.48 9.05
N GLY A 348 -11.50 4.29 8.70
CA GLY A 348 -11.63 5.74 8.76
C GLY A 348 -11.84 6.17 10.19
N ALA A 349 -12.96 6.86 10.43
CA ALA A 349 -13.28 7.45 11.75
C ALA A 349 -13.96 6.50 12.74
N MET A 350 -13.99 5.22 12.40
CA MET A 350 -14.47 4.19 13.34
C MET A 350 -13.57 2.97 13.24
N ALA A 351 -13.78 2.01 14.14
CA ALA A 351 -12.96 0.80 14.13
C ALA A 351 -13.80 -0.42 14.46
N VAL A 352 -13.45 -1.53 13.82
CA VAL A 352 -14.08 -2.81 14.04
C VAL A 352 -13.08 -3.76 14.74
N ASP A 353 -13.53 -4.44 15.78
CA ASP A 353 -12.67 -5.32 16.56
C ASP A 353 -12.32 -6.59 15.74
N HIS A 354 -11.33 -7.34 16.21
CA HIS A 354 -10.85 -8.54 15.50
C HIS A 354 -11.93 -9.60 15.30
N ASP A 355 -12.99 -9.53 16.11
CA ASP A 355 -14.07 -10.50 16.10
C ASP A 355 -15.33 -9.98 15.38
N GLY A 356 -15.19 -8.83 14.74
CA GLY A 356 -16.28 -8.26 13.96
C GLY A 356 -17.27 -7.43 14.74
N THR A 357 -17.03 -7.28 16.05
CA THR A 357 -17.84 -6.40 16.89
C THR A 357 -17.33 -4.97 16.73
N GLY A 358 -18.15 -3.99 17.08
CA GLY A 358 -17.72 -2.58 17.03
C GLY A 358 -16.68 -2.30 18.09
N LEU A 359 -15.55 -1.72 17.68
CA LEU A 359 -14.54 -1.32 18.65
C LEU A 359 -14.89 0.07 19.20
N TYR A 360 -14.96 1.04 18.30
CA TYR A 360 -15.47 2.36 18.63
C TYR A 360 -15.90 3.11 17.37
N SER A 361 -16.75 4.11 17.56
CA SER A 361 -17.02 5.08 16.52
C SER A 361 -16.79 6.48 17.08
N THR A 362 -15.93 7.24 16.43
CA THR A 362 -15.61 8.59 16.90
C THR A 362 -16.74 9.58 16.63
N GLY A 363 -17.57 9.28 15.63
CA GLY A 363 -18.61 10.19 15.17
C GLY A 363 -18.09 11.38 14.39
N LEU A 364 -16.79 11.40 14.10
CA LEU A 364 -16.17 12.56 13.43
C LEU A 364 -16.38 12.56 11.92
N GLY A 365 -16.75 11.39 11.39
CA GLY A 365 -17.17 11.27 10.00
C GLY A 365 -16.06 10.98 9.01
N HIS A 366 -16.51 10.45 7.87
CA HIS A 366 -15.72 10.24 6.67
C HIS A 366 -14.66 11.32 6.39
N GLY A 367 -13.48 10.85 6.00
CA GLY A 367 -12.42 11.70 5.47
C GLY A 367 -11.66 11.04 4.32
N ASP A 368 -10.70 11.77 3.76
CA ASP A 368 -9.98 11.35 2.54
C ASP A 368 -8.54 10.88 2.74
N ALA A 369 -8.07 10.95 3.98
CA ALA A 369 -6.72 10.50 4.32
C ALA A 369 -6.71 10.05 5.77
N MET A 370 -5.88 9.05 6.06
CA MET A 370 -5.69 8.58 7.43
C MET A 370 -4.32 7.96 7.57
N HIS A 371 -3.82 7.96 8.81
CA HIS A 371 -2.48 7.46 9.11
C HIS A 371 -2.47 6.81 10.48
N VAL A 372 -2.17 5.52 10.49
CA VAL A 372 -2.12 4.73 11.73
C VAL A 372 -0.70 4.25 11.95
N GLY A 373 -0.13 4.65 13.08
CA GLY A 373 1.23 4.24 13.43
C GLY A 373 1.57 4.74 14.81
N ASP A 374 2.84 4.65 15.17
CA ASP A 374 3.25 5.23 16.43
C ASP A 374 3.62 6.69 16.19
N LEU A 375 2.59 7.54 16.19
CA LEU A 375 2.74 8.95 15.85
C LEU A 375 3.27 9.78 17.01
N ASP A 376 2.95 9.33 18.23
CA ASP A 376 3.43 9.96 19.46
C ASP A 376 4.09 8.85 20.30
N PRO A 377 5.41 8.63 20.12
CA PRO A 377 6.10 7.55 20.84
C PRO A 377 6.19 7.73 22.36
N SER A 378 5.80 8.89 22.87
CA SER A 378 5.82 9.14 24.33
C SER A 378 4.56 8.58 24.98
N ARG A 379 3.58 8.25 24.15
CA ARG A 379 2.29 7.76 24.58
CA ARG A 379 2.30 7.73 24.60
C ARG A 379 2.16 6.28 24.16
N LYS A 380 1.92 5.40 25.13
CA LYS A 380 1.79 3.97 24.88
CA LYS A 380 1.79 3.98 24.87
C LYS A 380 0.73 3.67 23.82
N GLY A 381 1.08 2.81 22.87
CA GLY A 381 0.17 2.37 21.82
C GLY A 381 0.29 3.14 20.53
N LEU A 382 -0.57 2.81 19.58
CA LEU A 382 -0.63 3.50 18.29
C LEU A 382 -1.62 4.66 18.35
N GLU A 383 -1.49 5.57 17.38
CA GLU A 383 -2.39 6.71 17.26
C GLU A 383 -2.92 6.75 15.85
N VAL A 384 -4.07 7.39 15.66
CA VAL A 384 -4.62 7.63 14.33
C VAL A 384 -4.69 9.13 14.09
N PHE A 385 -4.03 9.59 13.03
CA PHE A 385 -4.25 10.95 12.52
C PHE A 385 -5.09 10.88 11.24
N GLN A 386 -6.15 11.67 11.17
CA GLN A 386 -6.90 11.73 9.93
C GLN A 386 -7.51 13.09 9.71
N VAL A 387 -7.98 13.31 8.49
CA VAL A 387 -8.72 14.52 8.14
C VAL A 387 -10.18 14.16 7.90
N HIS A 388 -11.04 15.17 7.86
CA HIS A 388 -12.48 14.96 7.79
C HIS A 388 -13.10 15.87 6.73
N GLU A 389 -14.15 15.37 6.08
CA GLU A 389 -14.75 16.01 4.91
C GLU A 389 -15.99 16.86 5.25
N ASP A 390 -16.70 16.47 6.30
CA ASP A 390 -17.99 17.07 6.64
C ASP A 390 -17.77 18.43 7.32
N ALA A 391 -18.23 19.51 6.66
CA ALA A 391 -18.06 20.87 7.16
C ALA A 391 -18.79 21.15 8.48
N THR A 392 -19.77 20.30 8.80
CA THR A 392 -20.60 20.49 9.99
C THR A 392 -20.04 19.78 11.22
N LYS A 393 -18.98 18.99 11.02
CA LYS A 393 -18.39 18.19 12.10
C LYS A 393 -17.38 18.98 12.94
N PRO A 394 -17.07 18.50 14.17
CA PRO A 394 -16.23 19.27 15.09
C PRO A 394 -14.82 19.56 14.60
N TYR A 395 -14.24 18.62 13.84
CA TYR A 395 -12.83 18.71 13.44
C TYR A 395 -12.56 18.47 11.96
N GLY A 396 -11.67 19.28 11.40
CA GLY A 396 -11.14 19.03 10.07
C GLY A 396 -9.94 18.08 10.13
N LEU A 397 -9.28 18.04 11.27
N LEU A 397 -9.28 18.08 11.28
CA LEU A 397 -8.18 17.10 11.49
CA LEU A 397 -8.12 17.23 11.59
C LEU A 397 -8.15 16.69 12.96
C LEU A 397 -8.32 16.66 12.97
N SER A 398 -7.93 15.40 13.19
CA SER A 398 -8.03 14.80 14.51
C SER A 398 -6.89 13.82 14.77
N LEU A 399 -6.47 13.75 16.03
CA LEU A 399 -5.43 12.82 16.45
C LEU A 399 -5.99 12.05 17.63
N ARG A 400 -6.02 10.72 17.52
CA ARG A 400 -6.67 9.89 18.55
C ARG A 400 -5.86 8.67 18.96
N ASP A 401 -6.20 8.14 20.13
CA ASP A 401 -5.73 6.84 20.58
C ASP A 401 -6.32 5.79 19.63
N ALA A 402 -5.44 5.01 18.99
CA ALA A 402 -5.90 4.07 17.96
C ALA A 402 -6.81 2.97 18.49
N GLY A 403 -6.57 2.55 19.74
CA GLY A 403 -7.25 1.41 20.34
C GLY A 403 -8.55 1.74 21.03
N THR A 404 -8.59 2.88 21.73
CA THR A 404 -9.81 3.30 22.44
C THR A 404 -10.66 4.26 21.63
N GLY A 405 -10.02 4.93 20.68
CA GLY A 405 -10.70 5.96 19.89
C GLY A 405 -10.76 7.32 20.58
N GLU A 406 -10.19 7.40 21.78
CA GLU A 406 -10.19 8.67 22.52
C GLU A 406 -9.54 9.77 21.68
N ILE A 407 -10.28 10.86 21.45
CA ILE A 407 -9.73 11.99 20.72
CA ILE A 407 -9.73 11.99 20.72
C ILE A 407 -8.80 12.76 21.65
N LEU A 408 -7.53 12.82 21.27
CA LEU A 408 -6.51 13.47 22.09
C LEU A 408 -6.51 14.97 21.84
N TRP A 409 -6.63 15.34 20.56
CA TRP A 409 -6.88 16.72 20.19
C TRP A 409 -7.40 16.77 18.76
N GLY A 410 -7.99 17.90 18.40
CA GLY A 410 -8.47 18.12 17.05
C GLY A 410 -8.49 19.59 16.74
N VAL A 411 -8.65 19.91 15.46
CA VAL A 411 -8.72 21.29 15.02
C VAL A 411 -9.95 21.48 14.16
N HIS A 412 -10.83 22.41 14.58
CA HIS A 412 -12.01 22.74 13.80
C HIS A 412 -11.63 23.43 12.50
N ALA A 413 -12.34 23.07 11.43
CA ALA A 413 -12.12 23.66 10.11
C ALA A 413 -13.40 24.27 9.53
N GLY A 414 -14.55 23.64 9.80
CA GLY A 414 -15.83 24.10 9.26
C GLY A 414 -15.91 23.99 7.74
N THR A 415 -15.06 23.14 7.17
CA THR A 415 -14.97 22.94 5.74
C THR A 415 -14.26 21.60 5.49
N ASP A 416 -14.36 21.09 4.28
CA ASP A 416 -13.71 19.85 3.87
C ASP A 416 -12.19 20.05 3.92
N VAL A 417 -11.51 19.23 4.72
CA VAL A 417 -10.05 19.17 4.71
C VAL A 417 -9.65 17.92 3.94
N GLY A 418 -9.22 18.12 2.69
CA GLY A 418 -9.10 17.03 1.72
C GLY A 418 -7.84 16.20 1.75
N ARG A 419 -6.77 16.73 2.35
CA ARG A 419 -5.51 16.00 2.45
C ARG A 419 -4.90 16.15 3.82
N GLY A 420 -4.20 15.12 4.27
CA GLY A 420 -3.51 15.16 5.56
C GLY A 420 -2.37 14.17 5.60
N MET A 421 -1.37 14.47 6.44
CA MET A 421 -0.20 13.63 6.57
C MET A 421 0.27 13.58 8.01
N ALA A 422 0.83 12.43 8.40
CA ALA A 422 1.52 12.29 9.67
C ALA A 422 2.87 11.65 9.35
N ALA A 423 3.96 12.34 9.67
CA ALA A 423 5.30 11.83 9.37
C ALA A 423 6.34 12.53 10.21
N HIS A 424 7.39 11.78 10.56
CA HIS A 424 8.52 12.36 11.27
C HIS A 424 9.40 13.11 10.27
N ILE A 425 9.10 14.41 10.11
CA ILE A 425 9.79 15.27 9.14
C ILE A 425 10.73 16.28 9.82
N ASP A 426 10.66 16.36 11.14
CA ASP A 426 11.46 17.31 11.92
C ASP A 426 12.22 16.54 13.01
N PRO A 427 13.56 16.45 12.87
CA PRO A 427 14.35 15.66 13.84
C PRO A 427 14.25 16.16 15.28
N SER A 428 13.82 17.40 15.46
N SER A 428 13.84 17.41 15.46
CA SER A 428 13.72 18.03 16.79
CA SER A 428 13.73 18.00 16.80
C SER A 428 12.41 17.70 17.52
C SER A 428 12.53 17.49 17.57
N TYR A 429 11.54 16.95 16.87
CA TYR A 429 10.35 16.40 17.52
C TYR A 429 10.35 14.89 17.39
N LYS A 430 10.37 14.22 18.54
CA LYS A 430 10.30 12.76 18.59
C LYS A 430 8.89 12.30 18.31
N GLY A 431 8.67 11.81 17.10
CA GLY A 431 7.34 11.43 16.64
C GLY A 431 7.00 12.15 15.36
N SER A 432 5.74 12.04 14.97
CA SER A 432 5.27 12.62 13.72
C SER A 432 4.77 14.05 13.91
N LEU A 433 5.10 14.91 12.95
CA LEU A 433 4.32 16.13 12.75
C LEU A 433 3.10 15.71 11.94
N VAL A 434 2.01 16.45 12.13
CA VAL A 434 0.77 16.16 11.41
C VAL A 434 0.24 17.46 10.79
N TRP A 435 -0.37 17.36 9.62
CA TRP A 435 -0.89 18.54 8.95
C TRP A 435 -2.03 18.23 7.99
N GLY A 436 -2.80 19.28 7.68
CA GLY A 436 -3.90 19.18 6.74
C GLY A 436 -3.80 20.33 5.75
N ILE A 437 -4.06 20.02 4.47
CA ILE A 437 -4.05 21.03 3.41
C ILE A 437 -5.12 20.71 2.36
N ASP A 438 -5.42 21.68 1.51
CA ASP A 438 -6.30 21.44 0.38
C ASP A 438 -5.60 20.57 -0.67
N PRO A 439 -6.38 19.78 -1.42
CA PRO A 439 -5.79 19.08 -2.57
C PRO A 439 -5.51 20.08 -3.70
N PRO A 440 -4.82 19.64 -4.76
CA PRO A 440 -4.64 20.49 -5.95
C PRO A 440 -5.98 20.86 -6.59
N GLY A 441 -6.01 22.00 -7.28
CA GLY A 441 -7.21 22.43 -8.00
C GLY A 441 -8.34 22.87 -7.09
N ASN A 442 -7.97 23.34 -5.91
CA ASN A 442 -8.94 23.80 -4.92
C ASN A 442 -8.56 25.21 -4.48
N ASP A 443 -8.69 25.50 -3.19
CA ASP A 443 -8.47 26.86 -2.66
C ASP A 443 -7.05 27.11 -2.16
N GLY A 444 -6.22 26.06 -2.19
CA GLY A 444 -4.81 26.16 -1.80
C GLY A 444 -4.59 26.47 -0.32
N MET A 445 -5.56 26.12 0.51
CA MET A 445 -5.52 26.44 1.93
C MET A 445 -4.68 25.46 2.75
N SER A 446 -4.06 25.98 3.81
CA SER A 446 -3.36 25.18 4.82
C SER A 446 -4.19 25.19 6.10
N TYR A 447 -4.22 24.05 6.79
CA TYR A 447 -4.96 23.93 8.04
C TYR A 447 -4.04 23.77 9.24
N GLY A 448 -2.75 24.00 9.01
CA GLY A 448 -1.76 24.04 10.07
C GLY A 448 -0.84 22.83 10.14
N LEU A 449 0.33 23.05 10.72
CA LEU A 449 1.32 22.02 10.98
C LEU A 449 1.47 21.91 12.50
N PHE A 450 1.32 20.69 13.01
CA PHE A 450 1.31 20.44 14.46
C PHE A 450 2.23 19.29 14.83
N THR A 451 2.72 19.28 16.06
CA THR A 451 3.32 18.04 16.58
C THR A 451 2.17 17.08 16.87
N SER A 452 2.48 15.79 17.02
CA SER A 452 1.42 14.82 17.33
C SER A 452 0.80 15.03 18.72
N LYS A 453 1.44 15.87 19.54
CA LYS A 453 0.88 16.26 20.83
C LYS A 453 -0.06 17.48 20.73
N GLY A 454 -0.12 18.09 19.55
CA GLY A 454 -1.06 19.19 19.32
C GLY A 454 -0.47 20.59 19.39
N GLU A 455 0.86 20.68 19.54
CA GLU A 455 1.53 21.97 19.53
C GLU A 455 1.56 22.49 18.11
N LYS A 456 1.04 23.68 17.88
CA LYS A 456 1.03 24.26 16.55
C LYS A 456 2.42 24.82 16.20
N ILE A 457 3.04 24.27 15.18
CA ILE A 457 4.35 24.76 14.75
C ILE A 457 4.19 25.97 13.83
N SER A 458 3.28 25.86 12.86
CA SER A 458 3.05 26.95 11.90
CA SER A 458 3.04 26.97 11.93
C SER A 458 1.67 26.88 11.27
N ASP A 459 1.14 28.04 10.88
CA ASP A 459 -0.12 28.06 10.17
CA ASP A 459 -0.12 28.16 10.13
C ASP A 459 0.04 27.52 8.75
N LYS A 460 1.23 27.69 8.18
CA LYS A 460 1.53 27.18 6.85
CA LYS A 460 1.52 27.17 6.85
C LYS A 460 2.16 25.79 6.92
N ALA A 461 1.43 24.80 6.46
CA ALA A 461 1.89 23.42 6.48
C ALA A 461 2.72 23.12 5.22
N PRO A 462 3.51 22.02 5.24
CA PRO A 462 4.17 21.58 4.02
C PRO A 462 3.14 21.41 2.90
N SER A 463 3.48 21.87 1.70
CA SER A 463 2.55 21.85 0.57
C SER A 463 2.42 20.48 -0.09
N SER A 464 2.85 19.43 0.63
CA SER A 464 2.71 18.05 0.17
C SER A 464 2.00 17.26 1.27
N ALA A 465 0.89 16.62 0.93
CA ALA A 465 0.17 15.78 1.88
C ALA A 465 -0.47 14.64 1.10
N ASN A 466 0.37 13.68 0.76
CA ASN A 466 0.00 12.60 -0.14
C ASN A 466 0.59 11.28 0.38
N PHE A 467 1.83 10.98 -0.01
CA PHE A 467 2.56 9.84 0.55
C PHE A 467 3.76 10.34 1.34
N ALA A 468 4.21 9.55 2.30
CA ALA A 468 5.52 9.77 2.91
C ALA A 468 6.36 8.54 2.59
N ILE A 469 7.65 8.75 2.35
CA ILE A 469 8.54 7.69 1.88
C ILE A 469 9.90 7.80 2.56
N TRP A 470 10.45 6.66 3.03
CA TRP A 470 11.85 6.64 3.48
C TRP A 470 12.72 6.45 2.24
N TRP A 471 13.39 7.52 1.85
CA TRP A 471 14.11 7.58 0.57
C TRP A 471 15.60 7.76 0.73
N ASP A 472 16.02 8.75 1.51
CA ASP A 472 17.46 8.96 1.70
C ASP A 472 17.98 8.17 2.92
N GLY A 473 19.15 8.55 3.42
CA GLY A 473 19.81 7.75 4.46
C GLY A 473 19.42 8.04 5.89
N ASP A 474 18.72 9.15 6.13
CA ASP A 474 18.42 9.54 7.52
C ASP A 474 17.06 9.03 8.02
N LEU A 475 16.83 9.18 9.32
CA LEU A 475 15.63 8.62 9.97
C LEU A 475 14.35 9.42 9.72
N VAL A 476 14.51 10.66 9.28
CA VAL A 476 13.37 11.48 8.88
C VAL A 476 12.71 10.83 7.66
N ARG A 477 11.39 10.98 7.54
CA ARG A 477 10.70 10.50 6.35
C ARG A 477 10.55 11.62 5.33
N GLU A 478 10.76 11.28 4.07
CA GLU A 478 10.62 12.21 2.97
C GLU A 478 9.16 12.20 2.49
N LEU A 479 8.83 13.09 1.56
CA LEU A 479 7.43 13.26 1.12
C LEU A 479 7.30 13.05 -0.37
N LEU A 480 6.34 12.22 -0.76
CA LEU A 480 6.12 11.88 -2.16
C LEU A 480 4.80 12.47 -2.63
N ASP A 481 4.84 13.13 -3.78
CA ASP A 481 3.66 13.76 -4.35
C ASP A 481 3.90 13.94 -5.84
N HIS A 482 3.36 15.02 -6.40
CA HIS A 482 3.53 15.35 -7.82
C HIS A 482 3.25 16.82 -8.03
N ASP A 483 3.67 17.33 -9.18
CA ASP A 483 3.26 18.65 -9.63
C ASP A 483 2.16 18.47 -10.67
N TRP A 484 0.95 18.81 -10.28
CA TRP A 484 -0.24 18.65 -11.11
C TRP A 484 -0.51 19.91 -11.92
N ASP A 485 -0.68 19.77 -13.23
CA ASP A 485 -0.89 20.92 -14.11
C ASP A 485 -2.32 21.05 -14.65
N GLY A 486 -3.25 20.29 -14.09
CA GLY A 486 -4.63 20.28 -14.57
C GLY A 486 -4.97 19.13 -15.49
N THR A 487 -3.93 18.52 -16.07
CA THR A 487 -4.09 17.42 -17.02
C THR A 487 -3.24 16.21 -16.61
N ILE A 488 -1.97 16.46 -16.35
CA ILE A 488 -1.03 15.41 -15.94
C ILE A 488 -0.27 15.83 -14.68
N GLY A 489 0.28 14.83 -13.98
CA GLY A 489 1.12 15.09 -12.82
C GLY A 489 2.52 14.57 -13.02
N ARG A 490 3.51 15.38 -12.65
CA ARG A 490 4.93 14.98 -12.67
C ARG A 490 5.38 14.59 -11.26
N PRO A 491 5.69 13.30 -11.06
CA PRO A 491 6.04 12.82 -9.73
C PRO A 491 7.29 13.47 -9.14
N LYS A 492 7.32 13.58 -7.81
CA LYS A 492 8.48 14.11 -7.10
C LYS A 492 8.56 13.54 -5.70
N ILE A 493 9.79 13.49 -5.18
CA ILE A 493 10.04 13.26 -3.76
C ILE A 493 10.68 14.53 -3.22
N GLU A 494 10.17 15.00 -2.08
CA GLU A 494 10.64 16.24 -1.46
C GLU A 494 11.10 15.98 -0.04
N LYS A 495 11.93 16.89 0.47
CA LYS A 495 12.38 16.80 1.86
C LYS A 495 12.06 18.10 2.59
N TRP A 496 11.55 17.97 3.81
CA TRP A 496 11.19 19.14 4.61
C TRP A 496 12.43 19.78 5.20
N ASP A 497 12.55 21.08 5.00
CA ASP A 497 13.57 21.91 5.62
C ASP A 497 12.93 22.52 6.87
N ALA A 498 13.18 21.93 8.03
CA ALA A 498 12.57 22.39 9.28
C ALA A 498 13.12 23.75 9.73
N GLU A 499 14.37 24.04 9.34
CA GLU A 499 15.01 25.30 9.73
CA GLU A 499 15.02 25.29 9.72
C GLU A 499 14.30 26.51 9.12
N ASN A 500 13.95 26.41 7.84
CA ASN A 500 13.34 27.53 7.15
C ASN A 500 11.92 27.29 6.63
N GLY A 501 11.37 26.12 6.96
CA GLY A 501 9.94 25.85 6.76
C GLY A 501 9.49 25.76 5.32
N CYS A 502 10.23 25.01 4.51
CA CYS A 502 9.94 24.83 3.09
CA CYS A 502 9.83 24.78 3.12
C CYS A 502 10.25 23.41 2.63
N LEU A 503 9.71 23.03 1.47
CA LEU A 503 10.01 21.75 0.85
C LEU A 503 11.01 21.92 -0.28
N LYS A 504 11.97 21.01 -0.33
CA LYS A 504 12.97 20.99 -1.38
C LYS A 504 12.83 19.69 -2.15
N THR A 505 12.88 19.77 -3.47
CA THR A 505 12.79 18.58 -4.31
C THR A 505 14.12 17.84 -4.28
N ILE A 506 14.07 16.53 -4.01
CA ILE A 506 15.28 15.69 -3.99
C ILE A 506 15.29 14.58 -5.04
N PHE A 507 14.15 14.33 -5.66
CA PHE A 507 14.06 13.35 -6.74
C PHE A 507 12.88 13.70 -7.64
N GLN A 508 13.14 13.81 -8.95
CA GLN A 508 12.09 14.11 -9.91
C GLN A 508 12.41 13.52 -11.29
N PRO A 509 12.10 12.22 -11.45
CA PRO A 509 12.50 11.49 -12.65
C PRO A 509 11.74 11.93 -13.90
N ALA A 510 12.43 11.98 -15.03
CA ALA A 510 11.83 12.37 -16.30
C ALA A 510 11.14 11.18 -16.95
N GLY A 511 10.13 11.47 -17.77
CA GLY A 511 9.49 10.47 -18.61
C GLY A 511 8.42 9.60 -17.97
N VAL A 512 8.02 9.98 -16.76
CA VAL A 512 7.01 9.22 -16.00
C VAL A 512 5.89 10.15 -15.51
N LEU A 513 4.74 9.54 -15.21
CA LEU A 513 3.57 10.30 -14.78
C LEU A 513 3.00 9.73 -13.49
N SER A 514 2.32 10.58 -12.71
CA SER A 514 1.56 10.12 -11.56
C SER A 514 0.20 9.58 -12.01
N ASN A 515 -0.50 8.91 -11.11
CA ASN A 515 -1.78 8.28 -11.42
C ASN A 515 -2.95 8.89 -10.70
N ASN A 516 -4.15 8.68 -11.27
CA ASN A 516 -5.42 9.01 -10.62
C ASN A 516 -5.66 10.50 -10.45
N GLY A 517 -5.30 11.25 -11.49
CA GLY A 517 -5.61 12.67 -11.54
C GLY A 517 -4.92 13.42 -10.42
N THR A 518 -5.66 14.32 -9.78
CA THR A 518 -5.08 15.15 -8.72
C THR A 518 -4.51 14.34 -7.56
N LYS A 519 -4.96 13.10 -7.41
CA LYS A 519 -4.50 12.24 -6.29
C LYS A 519 -3.00 11.97 -6.35
N GLY A 520 -2.47 11.92 -7.58
CA GLY A 520 -1.03 11.84 -7.81
C GLY A 520 -0.35 10.62 -7.20
N ASN A 521 -0.93 9.45 -7.42
CA ASN A 521 -0.39 8.22 -6.87
C ASN A 521 0.75 7.64 -7.68
N PRO A 522 1.72 7.00 -7.00
CA PRO A 522 2.62 6.13 -7.74
C PRO A 522 1.87 4.83 -8.07
N VAL A 523 2.38 4.07 -9.02
CA VAL A 523 1.86 2.72 -9.26
C VAL A 523 1.94 1.93 -7.94
N LEU A 524 3.06 2.06 -7.26
CA LEU A 524 3.27 1.46 -5.94
C LEU A 524 4.47 2.10 -5.26
N GLN A 525 4.36 2.27 -3.94
CA GLN A 525 5.50 2.56 -3.08
C GLN A 525 5.61 1.39 -2.10
N ALA A 526 6.77 0.76 -2.08
CA ALA A 526 6.98 -0.38 -1.19
C ALA A 526 8.46 -0.69 -1.05
N ASN A 527 8.85 -1.19 0.11
CA ASN A 527 10.19 -1.76 0.27
C ASN A 527 10.23 -3.12 -0.42
N LEU A 528 10.53 -3.12 -1.73
CA LEU A 528 10.48 -4.33 -2.57
C LEU A 528 11.74 -5.19 -2.52
N PHE A 529 12.88 -4.55 -2.30
CA PHE A 529 14.18 -5.21 -2.28
C PHE A 529 15.23 -4.27 -1.71
N GLY A 530 16.48 -4.71 -1.68
CA GLY A 530 17.53 -3.90 -1.07
C GLY A 530 17.28 -3.72 0.42
N ASP A 531 17.82 -2.65 0.99
CA ASP A 531 17.62 -2.41 2.42
C ASP A 531 16.27 -1.76 2.71
N TRP A 532 16.09 -1.27 3.94
CA TRP A 532 14.80 -0.84 4.46
C TRP A 532 14.19 0.38 3.76
N ARG A 533 14.97 1.13 2.98
CA ARG A 533 14.38 2.23 2.22
C ARG A 533 13.37 1.70 1.21
N GLU A 534 12.41 2.56 0.86
CA GLU A 534 11.29 2.16 0.02
C GLU A 534 11.54 2.48 -1.44
N GLU A 535 11.23 1.50 -2.29
CA GLU A 535 11.21 1.70 -3.72
C GLU A 535 9.92 2.39 -4.12
N VAL A 536 9.92 2.98 -5.31
CA VAL A 536 8.72 3.62 -5.84
C VAL A 536 8.62 3.33 -7.33
N ILE A 537 7.41 3.02 -7.76
CA ILE A 537 7.13 2.67 -9.15
C ILE A 537 6.21 3.70 -9.76
N TRP A 538 6.61 4.25 -10.91
CA TRP A 538 5.73 5.10 -11.71
C TRP A 538 5.67 4.54 -13.14
N ARG A 539 4.54 4.76 -13.80
CA ARG A 539 4.39 4.41 -15.22
C ARG A 539 5.16 5.39 -16.12
N THR A 540 5.71 4.88 -17.22
CA THR A 540 6.20 5.79 -18.25
C THR A 540 5.00 6.55 -18.84
N GLU A 541 5.28 7.69 -19.46
CA GLU A 541 4.23 8.51 -20.06
C GLU A 541 3.27 7.71 -20.95
N ASP A 542 3.82 6.79 -21.75
CA ASP A 542 3.00 5.98 -22.66
C ASP A 542 2.59 4.60 -22.11
N SER A 543 2.89 4.33 -20.84
CA SER A 543 2.60 3.04 -20.20
C SER A 543 3.21 1.82 -20.92
N SER A 544 4.28 2.04 -21.67
CA SER A 544 5.02 0.92 -22.26
C SER A 544 5.82 0.16 -21.21
N ALA A 545 6.03 0.79 -20.06
CA ALA A 545 6.83 0.18 -18.99
C ALA A 545 6.52 0.77 -17.63
N LEU A 546 6.84 0.02 -16.58
CA LEU A 546 6.93 0.54 -15.23
C LEU A 546 8.39 0.87 -14.98
N ARG A 547 8.64 1.92 -14.22
CA ARG A 547 9.99 2.21 -13.76
C ARG A 547 10.02 2.13 -12.25
N ILE A 548 10.85 1.23 -11.73
CA ILE A 548 11.01 1.05 -10.30
C ILE A 548 12.29 1.74 -9.87
N TYR A 549 12.14 2.73 -9.00
CA TYR A 549 13.29 3.51 -8.53
C TYR A 549 13.69 3.07 -7.13
N THR A 550 15.00 3.02 -6.91
CA THR A 550 15.54 2.61 -5.63
C THR A 550 16.60 3.62 -5.19
N THR A 551 16.77 3.76 -3.88
CA THR A 551 17.73 4.73 -3.35
C THR A 551 19.19 4.32 -3.61
N THR A 552 20.07 5.32 -3.70
CA THR A 552 21.52 5.07 -3.68
C THR A 552 22.19 5.88 -2.58
N HIS A 553 21.38 6.43 -1.67
CA HIS A 553 21.90 7.17 -0.52
C HIS A 553 22.33 6.18 0.55
N LEU A 554 23.60 6.23 0.93
CA LEU A 554 24.12 5.39 1.99
CA LEU A 554 24.13 5.40 2.01
C LEU A 554 23.44 5.72 3.33
N THR A 555 23.13 4.68 4.10
CA THR A 555 22.55 4.87 5.43
C THR A 555 23.47 4.22 6.47
N ARG A 556 23.44 4.73 7.69
CA ARG A 556 24.16 4.12 8.81
C ARG A 556 23.20 3.29 9.66
N HIS A 557 21.95 3.18 9.20
CA HIS A 557 20.89 2.55 10.00
C HIS A 557 20.44 1.21 9.46
N CYS A 558 20.05 0.34 10.39
CA CYS A 558 19.69 -1.03 10.11
C CYS A 558 18.27 -1.31 10.62
N PHE A 559 17.39 -1.77 9.74
CA PHE A 559 16.07 -2.25 10.14
C PHE A 559 15.72 -3.53 9.41
N TYR A 560 14.93 -4.37 10.06
CA TYR A 560 14.39 -5.55 9.39
C TYR A 560 13.59 -5.07 8.18
N THR A 561 13.59 -5.87 7.13
CA THR A 561 12.84 -5.49 5.95
C THR A 561 11.39 -5.12 6.33
N LEU A 562 10.91 -4.04 5.74
CA LEU A 562 9.60 -3.51 6.14
C LEU A 562 8.46 -4.45 5.77
N MET A 563 8.72 -5.33 4.80
CA MET A 563 7.74 -6.32 4.38
C MET A 563 7.58 -7.43 5.41
N HIS A 564 8.45 -7.43 6.43
CA HIS A 564 8.32 -8.33 7.56
C HIS A 564 7.76 -7.62 8.80
N ASP A 565 7.34 -6.36 8.63
CA ASP A 565 6.63 -5.64 9.69
C ASP A 565 5.14 -5.90 9.58
N PRO A 566 4.48 -6.23 10.72
CA PRO A 566 3.07 -6.61 10.65
C PRO A 566 2.08 -5.53 10.20
N VAL A 567 2.44 -4.26 10.38
CA VAL A 567 1.57 -3.16 9.96
C VAL A 567 1.95 -2.68 8.55
N TYR A 568 3.25 -2.56 8.30
CA TYR A 568 3.72 -2.11 7.00
C TYR A 568 3.32 -3.06 5.87
N ARG A 569 3.53 -4.36 6.08
CA ARG A 569 3.22 -5.33 5.02
C ARG A 569 1.74 -5.27 4.62
N LEU A 570 0.87 -5.15 5.61
CA LEU A 570 -0.56 -5.06 5.37
C LEU A 570 -0.93 -3.75 4.66
N GLY A 571 -0.18 -2.70 4.97
CA GLY A 571 -0.30 -1.42 4.25
C GLY A 571 -0.06 -1.56 2.76
N ILE A 572 0.94 -2.34 2.38
CA ILE A 572 1.19 -2.55 0.95
C ILE A 572 0.01 -3.26 0.31
N ALA A 573 -0.56 -4.23 1.03
CA ALA A 573 -1.71 -4.97 0.51
C ALA A 573 -2.93 -4.08 0.26
N TRP A 574 -3.20 -3.12 1.16
CA TRP A 574 -4.32 -2.18 0.89
C TRP A 574 -3.94 -0.89 0.17
N GLN A 575 -2.70 -0.75 -0.26
CA GLN A 575 -2.31 0.52 -0.89
C GLN A 575 -3.21 0.91 -2.06
N ASN A 576 -3.58 -0.07 -2.90
CA ASN A 576 -4.42 0.23 -4.06
C ASN A 576 -5.85 0.65 -3.70
N THR A 577 -6.29 0.25 -2.51
CA THR A 577 -7.70 0.41 -2.09
C THR A 577 -8.16 1.86 -2.23
N ALA A 578 -9.22 2.04 -3.01
CA ALA A 578 -9.86 3.35 -3.26
C ALA A 578 -8.84 4.48 -3.40
N TYR A 579 -8.90 5.50 -2.56
CA TYR A 579 -7.94 6.60 -2.69
C TYR A 579 -6.67 6.24 -1.92
N ASN A 580 -5.72 5.69 -2.67
CA ASN A 580 -4.48 5.09 -2.15
C ASN A 580 -3.86 5.91 -1.01
N GLN A 581 -3.53 5.22 0.09
CA GLN A 581 -2.88 5.82 1.24
C GLN A 581 -1.52 5.15 1.49
N PRO A 582 -0.56 5.88 2.09
CA PRO A 582 0.79 5.36 2.30
C PRO A 582 0.89 4.39 3.49
N PRO A 583 1.92 3.52 3.46
CA PRO A 583 2.12 2.54 4.50
C PRO A 583 2.91 3.09 5.69
N HIS A 584 2.75 2.46 6.84
CA HIS A 584 3.40 2.86 8.08
C HIS A 584 3.97 1.66 8.80
N THR A 585 4.94 1.89 9.67
CA THR A 585 5.51 0.82 10.49
C THR A 585 4.76 0.66 11.82
N SER A 586 4.79 -0.56 12.37
CA SER A 586 4.15 -0.86 13.65
C SER A 586 4.88 -0.24 14.82
N PHE A 587 6.13 0.14 14.57
CA PHE A 587 6.99 0.77 15.57
C PHE A 587 7.37 2.18 15.15
N TYR A 588 7.82 2.98 16.11
CA TYR A 588 8.28 4.32 15.81
C TYR A 588 9.64 4.24 15.13
N LEU A 589 9.68 4.66 13.85
CA LEU A 589 10.92 4.79 13.12
C LEU A 589 11.21 6.28 13.00
N GLY A 590 12.28 6.73 13.63
CA GLY A 590 12.63 8.14 13.63
C GLY A 590 13.67 8.50 14.67
N THR A 591 14.01 9.78 14.72
CA THR A 591 15.01 10.30 15.66
C THR A 591 14.61 9.98 17.10
N GLY A 592 15.58 9.47 17.86
CA GLY A 592 15.38 9.16 19.28
C GLY A 592 14.62 7.88 19.55
N MET A 593 14.40 7.09 18.50
CA MET A 593 13.63 5.86 18.62
C MET A 593 14.32 4.82 19.50
N LYS A 594 13.51 4.04 20.21
CA LYS A 594 14.02 2.86 20.89
CA LYS A 594 14.00 2.85 20.90
C LYS A 594 14.21 1.76 19.85
N LYS A 595 15.03 0.76 20.18
CA LYS A 595 15.27 -0.38 19.32
C LYS A 595 13.93 -1.09 19.02
N PRO A 596 13.61 -1.31 17.74
CA PRO A 596 12.36 -1.96 17.40
C PRO A 596 12.37 -3.43 17.85
N PRO A 597 11.19 -3.99 18.18
CA PRO A 597 11.19 -5.43 18.47
C PRO A 597 11.44 -6.24 17.21
N LYS A 598 12.12 -7.38 17.33
CA LYS A 598 12.35 -8.25 16.18
C LYS A 598 10.99 -8.82 15.78
N PRO A 599 10.75 -8.98 14.47
CA PRO A 599 9.47 -9.50 14.01
C PRO A 599 9.17 -10.87 14.62
N ALA A 600 7.95 -11.04 15.11
CA ALA A 600 7.47 -12.32 15.62
C ALA A 600 6.75 -13.01 14.47
N LEU A 601 7.43 -13.96 13.84
CA LEU A 601 6.93 -14.55 12.61
C LEU A 601 7.34 -15.99 12.41
N TYR A 602 6.65 -16.65 11.48
CA TYR A 602 7.12 -17.88 10.89
C TYR A 602 6.93 -17.76 9.39
N ILE A 603 7.74 -18.49 8.64
CA ILE A 603 7.71 -18.43 7.18
C ILE A 603 6.71 -19.43 6.60
N ALA A 604 5.76 -18.93 5.83
CA ALA A 604 4.76 -19.79 5.17
C ALA A 604 5.43 -20.76 4.21
N GLY A 605 4.98 -22.02 4.23
CA GLY A 605 5.50 -23.06 3.37
C GLY A 605 6.84 -23.60 3.86
N SER A 606 7.00 -23.59 5.19
CA SER A 606 8.24 -23.97 5.87
C SER A 606 9.32 -22.91 5.71
CA CA B . -14.32 11.88 0.50
CA CA C . 15.13 10.03 5.39
CA CA D . 8.26 -14.88 -7.18
CA CA E . -1.49 -19.32 -1.14
CA CA F . 2.27 6.03 20.70
CA CA G . -6.88 3.11 -5.88
CA CA H . -9.10 -6.93 19.76
CA CA I . -5.70 -6.30 18.67
CA CA J . 14.92 -0.92 -0.46
#